data_6L5T
#
_entry.id   6L5T
#
_cell.length_a   34.231
_cell.length_b   68.511
_cell.length_c   104.350
_cell.angle_alpha   90.000
_cell.angle_beta   90.000
_cell.angle_gamma   90.000
#
_symmetry.space_group_name_H-M   'P 21 21 21'
#
loop_
_entity.id
_entity.type
_entity.pdbx_description
1 polymer 'Peptidase C16'
2 non-polymer 'ZINC ION'
3 water water
#
_entity_poly.entity_id   1
_entity_poly.type   'polypeptide(L)'
_entity_poly.pdbx_seq_one_letter_code
;KDVKVKVTADGRNINDVIVTTAETFDAQLGPSANGAESLVGVVPTPTDGGKVVNTVPDVNWSKHFGFSDAAAFAVLDHSK
FAFDSEVVDGKRALADSDNNCWVNATCLALQFLKPTFKYVGWEDLWNKFVTGDVAGFVHLLYYIEGVDKGAKGDVESTLS
KLDKYIVSSGSVTVERSTLCDRCNSTVKTVTGAIAEASVILNGHTDGHCPHNFEWRVQVIGVKGDIILLHSGSLLNGPYV
YGDAYVAFSGNTDNGHYTVFDNKLSKMYDGIKCVKTTLDTLVASSVVIRNGSY
;
_entity_poly.pdbx_strand_id   A
#
loop_
_chem_comp.id
_chem_comp.type
_chem_comp.name
_chem_comp.formula
ZN non-polymer 'ZINC ION' 'Zn 2'
#
# COMPACT_ATOMS: atom_id res chain seq x y z
N VAL A 53 26.66 -27.73 -2.01
CA VAL A 53 27.58 -28.26 -1.01
C VAL A 53 27.97 -27.22 0.05
N ASN A 54 28.17 -25.97 -0.39
CA ASN A 54 28.69 -24.92 0.49
C ASN A 54 27.84 -23.65 0.41
N THR A 55 26.55 -23.78 0.09
CA THR A 55 25.70 -22.61 0.01
C THR A 55 25.16 -22.23 1.40
N VAL A 56 24.67 -21.00 1.48
CA VAL A 56 23.83 -20.58 2.61
C VAL A 56 22.70 -21.61 2.78
N PRO A 57 22.52 -22.20 3.97
CA PRO A 57 21.38 -23.09 4.19
C PRO A 57 20.05 -22.42 3.90
N ASP A 58 19.06 -23.22 3.47
CA ASP A 58 17.76 -22.64 3.11
C ASP A 58 17.10 -21.94 4.28
N VAL A 59 17.35 -22.41 5.51
CA VAL A 59 16.67 -21.76 6.63
C VAL A 59 17.31 -20.41 6.91
N ASN A 60 18.59 -20.23 6.52
CA ASN A 60 19.20 -18.92 6.63
C ASN A 60 18.48 -17.91 5.74
N TRP A 61 18.10 -18.29 4.51
CA TRP A 61 17.33 -17.38 3.67
C TRP A 61 15.95 -17.12 4.23
N SER A 62 15.29 -18.15 4.79
CA SER A 62 13.98 -17.98 5.40
C SER A 62 14.04 -17.00 6.58
N LYS A 63 15.11 -17.06 7.40
CA LYS A 63 15.27 -16.08 8.47
C LYS A 63 15.55 -14.68 7.92
N HIS A 64 16.32 -14.62 6.85
CA HIS A 64 16.70 -13.36 6.26
C HIS A 64 15.50 -12.59 5.70
N PHE A 65 14.56 -13.32 5.07
CA PHE A 65 13.44 -12.71 4.35
C PHE A 65 12.10 -12.90 5.06
N GLY A 66 12.00 -13.82 6.01
CA GLY A 66 10.74 -13.94 6.72
C GLY A 66 9.65 -14.76 6.03
N PHE A 67 9.96 -15.50 4.97
CA PHE A 67 8.98 -16.42 4.40
C PHE A 67 9.66 -17.72 4.02
N SER A 68 8.87 -18.80 4.10
CA SER A 68 9.50 -20.12 4.19
C SER A 68 10.18 -20.53 2.90
N ASP A 69 9.72 -20.06 1.73
CA ASP A 69 10.43 -20.40 0.50
C ASP A 69 11.37 -19.30 0.00
N ALA A 70 12.02 -18.57 0.92
CA ALA A 70 12.83 -17.45 0.49
C ALA A 70 14.06 -17.89 -0.28
N ALA A 71 14.59 -19.08 0.01
CA ALA A 71 15.72 -19.57 -0.78
C ALA A 71 15.34 -19.68 -2.24
N ALA A 72 14.10 -20.01 -2.53
CA ALA A 72 13.71 -20.13 -3.94
C ALA A 72 13.65 -18.76 -4.62
N PHE A 73 13.37 -17.70 -3.86
CA PHE A 73 13.53 -16.34 -4.37
C PHE A 73 14.99 -15.97 -4.50
N ALA A 74 15.79 -16.30 -3.47
CA ALA A 74 17.18 -15.84 -3.41
C ALA A 74 18.02 -16.38 -4.56
N VAL A 75 17.72 -17.60 -5.04
CA VAL A 75 18.47 -18.22 -6.13
C VAL A 75 18.18 -17.57 -7.48
N LEU A 76 17.12 -16.74 -7.61
CA LEU A 76 16.72 -16.23 -8.93
C LEU A 76 17.43 -14.96 -9.31
N ASP A 77 17.90 -14.89 -10.57
CA ASP A 77 18.37 -13.63 -11.13
C ASP A 77 17.23 -12.64 -11.06
N HIS A 78 17.51 -11.41 -10.61
CA HIS A 78 16.46 -10.40 -10.56
C HIS A 78 16.58 -9.37 -11.68
N SER A 79 17.57 -9.50 -12.58
CA SER A 79 17.90 -8.39 -13.49
C SER A 79 16.82 -8.10 -14.52
N LYS A 80 15.90 -9.03 -14.80
CA LYS A 80 14.83 -8.70 -15.71
C LYS A 80 13.85 -7.70 -15.08
N PHE A 81 13.97 -7.41 -13.78
CA PHE A 81 13.09 -6.46 -13.12
C PHE A 81 13.75 -5.13 -12.87
N ALA A 82 14.87 -4.87 -13.52
CA ALA A 82 15.62 -3.63 -13.35
C ALA A 82 15.02 -2.52 -14.23
N PHE A 83 13.79 -2.14 -13.92
CA PHE A 83 13.13 -1.08 -14.67
C PHE A 83 13.91 0.22 -14.58
N ASP A 84 13.92 0.98 -15.67
CA ASP A 84 14.46 2.34 -15.61
C ASP A 84 13.75 3.16 -14.53
N SER A 85 14.50 4.01 -13.85
CA SER A 85 13.92 4.81 -12.79
C SER A 85 14.53 6.21 -12.80
N GLU A 86 13.80 7.18 -12.27
CA GLU A 86 14.33 8.51 -12.03
C GLU A 86 13.88 8.95 -10.65
N VAL A 87 14.56 9.94 -10.07
CA VAL A 87 14.11 10.53 -8.81
C VAL A 87 13.35 11.81 -9.14
N VAL A 88 12.07 11.81 -8.79
CA VAL A 88 11.13 12.88 -9.15
C VAL A 88 10.60 13.45 -7.84
N ASP A 89 10.85 14.72 -7.61
CA ASP A 89 10.51 15.38 -6.35
C ASP A 89 10.92 14.54 -5.14
N GLY A 90 12.14 14.01 -5.19
CA GLY A 90 12.73 13.34 -4.05
C GLY A 90 12.39 11.88 -3.90
N LYS A 91 11.55 11.32 -4.77
CA LYS A 91 11.16 9.93 -4.66
C LYS A 91 11.53 9.14 -5.90
N ARG A 92 11.84 7.85 -5.71
CA ARG A 92 12.23 7.00 -6.83
C ARG A 92 10.97 6.50 -7.55
N ALA A 93 10.88 6.80 -8.84
CA ALA A 93 9.75 6.41 -9.66
C ALA A 93 10.26 5.54 -10.80
N LEU A 94 9.43 4.56 -11.19
CA LEU A 94 9.75 3.63 -12.26
C LEU A 94 9.08 4.09 -13.54
N ALA A 95 9.83 4.06 -14.62
CA ALA A 95 9.26 4.42 -15.91
C ALA A 95 8.20 3.41 -16.32
N ASP A 96 7.18 3.89 -16.99
CA ASP A 96 6.08 3.02 -17.37
C ASP A 96 6.53 2.04 -18.44
N SER A 97 6.30 0.75 -18.21
CA SER A 97 6.80 -0.28 -19.10
C SER A 97 6.24 -1.63 -18.64
N ASP A 98 5.87 -2.50 -19.58
CA ASP A 98 5.51 -3.87 -19.24
C ASP A 98 4.39 -3.94 -18.20
N ASN A 99 3.40 -3.04 -18.26
CA ASN A 99 2.30 -3.01 -17.28
C ASN A 99 2.78 -2.92 -15.83
N ASN A 100 3.88 -2.22 -15.58
CA ASN A 100 4.43 -2.13 -14.22
C ASN A 100 3.87 -0.98 -13.37
N CYS A 101 2.79 -0.31 -13.82
CA CYS A 101 2.27 0.82 -13.07
C CYS A 101 1.92 0.41 -11.65
N TRP A 102 1.45 -0.83 -11.46
CA TRP A 102 1.09 -1.26 -10.13
C TRP A 102 2.29 -1.35 -9.20
N VAL A 103 3.47 -1.67 -9.76
CA VAL A 103 4.70 -1.71 -8.98
C VAL A 103 5.13 -0.31 -8.62
N ASN A 104 5.09 0.60 -9.60
CA ASN A 104 5.39 2.01 -9.31
C ASN A 104 4.52 2.57 -8.19
N ALA A 105 3.21 2.33 -8.25
CA ALA A 105 2.30 2.88 -7.24
C ALA A 105 2.59 2.27 -5.88
N THR A 106 2.82 0.94 -5.81
CA THR A 106 3.15 0.32 -4.55
C THR A 106 4.39 0.96 -3.95
N CYS A 107 5.44 1.14 -4.76
CA CYS A 107 6.71 1.63 -4.23
C CYS A 107 6.64 3.11 -3.90
N LEU A 108 5.87 3.89 -4.66
CA LEU A 108 5.73 5.29 -4.28
C LEU A 108 4.91 5.40 -3.00
N ALA A 109 3.85 4.58 -2.86
CA ALA A 109 3.10 4.62 -1.62
C ALA A 109 4.00 4.29 -0.44
N LEU A 110 4.85 3.27 -0.59
CA LEU A 110 5.76 2.93 0.51
C LEU A 110 6.69 4.08 0.83
N GLN A 111 7.14 4.84 -0.18
CA GLN A 111 8.05 5.94 0.09
C GLN A 111 7.36 7.09 0.80
N PHE A 112 6.06 7.28 0.56
CA PHE A 112 5.32 8.21 1.42
C PHE A 112 5.17 7.66 2.86
N LEU A 113 5.03 6.35 3.03
CA LEU A 113 4.83 5.77 4.35
C LEU A 113 6.12 5.78 5.18
N LYS A 114 7.27 5.51 4.54
CA LYS A 114 8.58 5.39 5.20
C LYS A 114 8.62 4.17 6.12
N PRO A 115 8.51 2.98 5.57
CA PRO A 115 8.46 1.77 6.40
C PRO A 115 9.81 1.36 6.96
N THR A 116 9.74 0.66 8.09
CA THR A 116 10.89 -0.09 8.64
C THR A 116 10.54 -1.57 8.47
N PHE A 117 11.40 -2.32 7.76
CA PHE A 117 11.12 -3.73 7.52
C PHE A 117 11.61 -4.60 8.66
N LYS A 118 10.86 -5.66 8.93
CA LYS A 118 11.13 -6.55 10.04
C LYS A 118 12.33 -7.45 9.79
N TYR A 119 12.60 -7.79 8.54
CA TYR A 119 13.57 -8.81 8.17
C TYR A 119 14.68 -8.15 7.38
N VAL A 120 15.93 -8.61 7.61
CA VAL A 120 17.10 -7.92 7.07
C VAL A 120 17.06 -7.91 5.55
N GLY A 121 16.59 -8.99 4.93
CA GLY A 121 16.61 -9.06 3.48
C GLY A 121 15.70 -8.05 2.84
N TRP A 122 14.52 -7.82 3.42
CA TRP A 122 13.63 -6.78 2.92
C TRP A 122 14.27 -5.41 3.06
N GLU A 123 14.82 -5.13 4.25
CA GLU A 123 15.47 -3.86 4.50
C GLU A 123 16.60 -3.63 3.49
N ASP A 124 17.41 -4.66 3.21
CA ASP A 124 18.51 -4.51 2.26
C ASP A 124 18.01 -4.19 0.85
N LEU A 125 17.03 -4.95 0.37
CA LEU A 125 16.53 -4.71 -0.97
C LEU A 125 15.79 -3.38 -1.04
N TRP A 126 15.14 -2.96 0.05
CA TRP A 126 14.49 -1.65 0.06
C TRP A 126 15.52 -0.53 0.01
N ASN A 127 16.57 -0.65 0.81
CA ASN A 127 17.58 0.40 0.80
C ASN A 127 18.21 0.50 -0.60
N LYS A 128 18.46 -0.66 -1.23
CA LYS A 128 18.94 -0.67 -2.62
C LYS A 128 17.94 -0.01 -3.56
N PHE A 129 16.65 -0.28 -3.36
CA PHE A 129 15.65 0.33 -4.25
C PHE A 129 15.73 1.85 -4.18
N VAL A 130 15.79 2.39 -2.97
CA VAL A 130 15.71 3.84 -2.83
C VAL A 130 16.97 4.47 -3.41
N THR A 131 18.11 3.79 -3.34
CA THR A 131 19.33 4.34 -3.93
C THR A 131 19.52 3.98 -5.41
N GLY A 132 18.53 3.38 -6.06
CA GLY A 132 18.55 3.24 -7.50
C GLY A 132 18.86 1.86 -8.04
N ASP A 133 19.14 0.88 -7.18
CA ASP A 133 19.29 -0.53 -7.54
C ASP A 133 17.94 -1.23 -7.31
N VAL A 134 17.05 -1.20 -8.31
CA VAL A 134 15.64 -1.48 -7.99
C VAL A 134 15.25 -2.95 -8.18
N ALA A 135 16.07 -3.73 -8.90
CA ALA A 135 15.61 -5.01 -9.44
C ALA A 135 15.18 -5.98 -8.37
N GLY A 136 15.98 -6.11 -7.29
CA GLY A 136 15.67 -7.13 -6.29
C GLY A 136 14.34 -6.87 -5.60
N PHE A 137 14.11 -5.59 -5.20
CA PHE A 137 12.85 -5.30 -4.52
C PHE A 137 11.68 -5.45 -5.48
N VAL A 138 11.82 -5.02 -6.72
CA VAL A 138 10.75 -5.16 -7.71
C VAL A 138 10.44 -6.64 -7.94
N HIS A 139 11.48 -7.47 -8.16
CA HIS A 139 11.18 -8.88 -8.30
C HIS A 139 10.49 -9.44 -7.04
N LEU A 140 10.93 -9.01 -5.86
CA LEU A 140 10.33 -9.48 -4.62
C LEU A 140 8.83 -9.19 -4.59
N LEU A 141 8.44 -8.01 -5.11
CA LEU A 141 7.00 -7.73 -5.15
C LEU A 141 6.29 -8.67 -6.11
N TYR A 142 6.84 -8.91 -7.31
CA TYR A 142 6.16 -9.85 -8.22
C TYR A 142 6.08 -11.23 -7.61
N TYR A 143 7.14 -11.63 -6.91
CA TYR A 143 7.19 -12.94 -6.29
C TYR A 143 6.15 -13.07 -5.20
N ILE A 144 6.07 -12.08 -4.29
CA ILE A 144 5.15 -12.18 -3.17
C ILE A 144 3.70 -12.04 -3.65
N GLU A 145 3.43 -11.07 -4.53
CA GLU A 145 2.05 -10.96 -5.02
C GLU A 145 1.66 -12.05 -6.04
N GLY A 146 2.61 -12.69 -6.70
CA GLY A 146 2.30 -13.72 -7.68
C GLY A 146 1.77 -13.17 -9.00
N VAL A 147 2.50 -12.25 -9.62
CA VAL A 147 2.13 -11.61 -10.89
C VAL A 147 3.20 -11.94 -11.92
N ASP A 148 2.79 -12.32 -13.15
CA ASP A 148 3.76 -12.50 -14.22
C ASP A 148 4.40 -11.17 -14.61
N LYS A 149 5.69 -11.20 -14.95
CA LYS A 149 6.29 -10.02 -15.56
C LYS A 149 5.56 -9.71 -16.87
N GLY A 150 5.07 -8.47 -16.98
CA GLY A 150 4.25 -8.09 -18.09
C GLY A 150 2.76 -8.01 -17.80
N ALA A 151 2.31 -8.56 -16.67
CA ALA A 151 0.91 -8.49 -16.30
C ALA A 151 0.67 -7.42 -15.23
N LYS A 152 -0.59 -7.04 -15.11
CA LYS A 152 -0.99 -6.08 -14.09
C LYS A 152 -1.23 -6.76 -12.76
N GLY A 153 -0.91 -6.04 -11.67
CA GLY A 153 -1.19 -6.50 -10.34
C GLY A 153 -2.09 -5.48 -9.66
N ASP A 154 -2.51 -5.83 -8.46
CA ASP A 154 -3.44 -5.04 -7.69
C ASP A 154 -2.66 -4.42 -6.55
N VAL A 155 -2.65 -3.10 -6.47
CA VAL A 155 -1.79 -2.42 -5.49
C VAL A 155 -2.24 -2.76 -4.07
N GLU A 156 -3.54 -2.69 -3.80
CA GLU A 156 -3.98 -2.93 -2.44
C GLU A 156 -3.74 -4.37 -2.01
N SER A 157 -3.96 -5.32 -2.92
CA SER A 157 -3.64 -6.72 -2.59
C SER A 157 -2.16 -6.85 -2.23
N THR A 158 -1.29 -6.21 -3.00
CA THR A 158 0.14 -6.25 -2.71
C THR A 158 0.47 -5.61 -1.37
N LEU A 159 0.05 -4.36 -1.17
CA LEU A 159 0.29 -3.71 0.13
C LEU A 159 -0.23 -4.55 1.30
N SER A 160 -1.39 -5.19 1.13
CA SER A 160 -1.92 -6.02 2.20
C SER A 160 -0.97 -7.14 2.58
N LYS A 161 -0.33 -7.78 1.58
CA LYS A 161 0.65 -8.81 1.88
C LYS A 161 1.91 -8.25 2.54
N LEU A 162 2.28 -7.00 2.24
CA LEU A 162 3.51 -6.46 2.80
C LEU A 162 3.38 -6.15 4.30
N ASP A 163 2.17 -6.02 4.83
CA ASP A 163 2.04 -5.61 6.24
C ASP A 163 2.82 -6.52 7.19
N LYS A 164 2.77 -7.85 6.98
CA LYS A 164 3.44 -8.77 7.90
C LYS A 164 4.96 -8.63 7.89
N TYR A 165 5.53 -8.00 6.86
CA TYR A 165 6.96 -7.81 6.74
C TYR A 165 7.42 -6.44 7.24
N ILE A 166 6.50 -5.59 7.72
CA ILE A 166 6.82 -4.22 8.12
C ILE A 166 6.53 -4.00 9.60
N VAL A 167 7.44 -3.31 10.30
CA VAL A 167 7.22 -2.99 11.71
C VAL A 167 5.99 -2.11 11.83
N SER A 168 5.09 -2.44 12.78
CA SER A 168 3.85 -1.66 12.91
C SER A 168 4.21 -0.19 13.20
N SER A 169 3.48 0.72 12.55
CA SER A 169 3.79 2.14 12.60
C SER A 169 2.59 3.01 12.92
N GLY A 170 1.37 2.46 12.92
CA GLY A 170 0.23 3.31 13.17
C GLY A 170 -0.95 2.46 13.58
N SER A 171 -2.07 3.15 13.79
CA SER A 171 -3.29 2.38 14.08
C SER A 171 -4.49 3.16 13.57
N VAL A 172 -5.57 2.46 13.27
CA VAL A 172 -6.76 3.13 12.75
C VAL A 172 -7.94 2.62 13.57
N THR A 173 -8.80 3.52 14.02
CA THR A 173 -9.99 3.16 14.81
C THR A 173 -11.24 3.37 13.94
N VAL A 174 -12.05 2.31 13.79
CA VAL A 174 -13.25 2.30 12.97
C VAL A 174 -14.45 2.04 13.89
N GLU A 175 -15.45 2.91 13.83
CA GLU A 175 -16.67 2.68 14.60
C GLU A 175 -17.74 2.11 13.66
N ARG A 176 -18.48 1.11 14.12
CA ARG A 176 -19.64 0.64 13.40
C ARG A 176 -20.81 1.04 14.30
N SER A 177 -21.50 2.12 13.92
CA SER A 177 -22.48 2.71 14.81
C SER A 177 -23.90 2.41 14.37
N THR A 178 -24.81 2.42 15.34
CA THR A 178 -26.22 2.23 15.04
C THR A 178 -27.02 3.09 15.99
N LEU A 179 -28.19 3.51 15.56
CA LEU A 179 -29.14 4.10 16.49
C LEU A 179 -30.03 3.07 17.15
N CYS A 180 -29.90 1.78 16.82
CA CYS A 180 -30.78 0.78 17.40
C CYS A 180 -30.70 0.85 18.93
N ASP A 181 -31.83 0.59 19.59
CA ASP A 181 -31.83 0.56 21.06
C ASP A 181 -31.54 -0.83 21.61
N ARG A 182 -31.56 -1.84 20.77
CA ARG A 182 -31.18 -3.19 21.22
C ARG A 182 -29.74 -3.53 20.93
N CYS A 183 -29.25 -3.11 19.78
CA CYS A 183 -27.89 -3.40 19.36
C CYS A 183 -26.97 -2.28 19.85
N ASN A 184 -25.70 -2.61 20.10
CA ASN A 184 -24.73 -1.59 20.50
C ASN A 184 -23.76 -1.27 19.36
N SER A 185 -23.40 0.01 19.26
CA SER A 185 -22.31 0.39 18.40
C SER A 185 -21.04 -0.33 18.83
N THR A 186 -20.17 -0.65 17.88
CA THR A 186 -18.90 -1.30 18.18
C THR A 186 -17.74 -0.47 17.65
N VAL A 187 -16.57 -0.64 18.26
CA VAL A 187 -15.39 0.11 17.87
C VAL A 187 -14.26 -0.90 17.78
N LYS A 188 -13.39 -0.75 16.79
CA LYS A 188 -12.29 -1.68 16.60
C LYS A 188 -11.09 -0.88 16.14
N THR A 189 -9.94 -1.10 16.80
CA THR A 189 -8.69 -0.41 16.48
C THR A 189 -7.73 -1.46 15.92
N VAL A 190 -7.27 -1.25 14.68
CA VAL A 190 -6.32 -2.12 13.99
C VAL A 190 -4.95 -1.43 13.97
N THR A 191 -3.91 -2.16 14.33
CA THR A 191 -2.55 -1.61 14.46
C THR A 191 -1.64 -2.32 13.47
N GLY A 192 -0.86 -1.55 12.71
CA GLY A 192 0.00 -2.17 11.71
C GLY A 192 0.65 -1.06 10.91
N ALA A 193 1.12 -1.41 9.74
CA ALA A 193 1.54 -0.41 8.78
C ALA A 193 0.54 -0.24 7.64
N ILE A 194 -0.25 -1.26 7.36
CA ILE A 194 -1.25 -1.28 6.31
C ILE A 194 -2.51 -1.93 6.87
N ALA A 195 -3.67 -1.32 6.62
CA ALA A 195 -4.93 -1.85 7.17
C ALA A 195 -6.09 -1.51 6.24
N GLU A 196 -7.11 -2.37 6.23
CA GLU A 196 -8.26 -2.13 5.36
C GLU A 196 -9.28 -1.28 6.11
N ALA A 197 -9.78 -0.23 5.45
CA ALA A 197 -10.81 0.64 6.02
C ALA A 197 -11.37 1.48 4.91
N SER A 198 -12.63 1.90 5.06
CA SER A 198 -13.18 2.80 4.07
C SER A 198 -12.40 4.12 4.06
N VAL A 199 -12.03 4.57 2.87
CA VAL A 199 -11.27 5.81 2.80
C VAL A 199 -12.22 6.99 2.55
N ILE A 200 -13.54 6.76 2.67
CA ILE A 200 -14.54 7.82 2.49
C ILE A 200 -14.71 8.62 3.78
N LEU A 201 -14.65 9.96 3.66
CA LEU A 201 -14.54 10.84 4.83
C LEU A 201 -15.67 10.62 5.82
N ASN A 202 -16.91 10.65 5.37
CA ASN A 202 -18.02 10.56 6.30
C ASN A 202 -18.50 9.14 6.49
N GLY A 203 -17.75 8.16 6.04
CA GLY A 203 -18.13 6.77 6.23
C GLY A 203 -19.18 6.30 5.24
N HIS A 204 -19.68 5.08 5.47
CA HIS A 204 -20.64 4.44 4.58
C HIS A 204 -21.52 3.50 5.41
N THR A 205 -22.75 3.26 4.92
CA THR A 205 -23.61 2.25 5.57
C THR A 205 -22.98 0.88 5.36
N ASP A 206 -23.32 -0.05 6.27
CA ASP A 206 -22.75 -1.40 6.23
C ASP A 206 -23.84 -2.43 6.54
N GLY A 207 -24.96 -2.35 5.79
CA GLY A 207 -26.09 -3.23 6.04
C GLY A 207 -26.92 -2.74 7.22
N HIS A 208 -27.73 -3.65 7.74
CA HIS A 208 -28.74 -3.37 8.76
C HIS A 208 -28.70 -4.42 9.83
N CYS A 209 -29.08 -4.01 11.04
CA CYS A 209 -29.28 -4.96 12.13
C CYS A 209 -30.64 -5.66 11.91
N PRO A 210 -30.96 -6.71 12.69
CA PRO A 210 -32.21 -7.43 12.45
C PRO A 210 -33.46 -6.67 12.91
N HIS A 211 -33.26 -5.52 13.53
CA HIS A 211 -34.33 -4.63 13.94
C HIS A 211 -34.52 -3.51 12.91
N ASN A 212 -33.80 -3.57 11.79
CA ASN A 212 -33.92 -2.65 10.67
C ASN A 212 -33.32 -1.29 10.95
N PHE A 213 -32.27 -1.20 11.76
CA PHE A 213 -31.49 0.03 11.82
C PHE A 213 -30.23 -0.12 10.97
N GLU A 214 -29.86 0.95 10.27
CA GLU A 214 -28.62 0.94 9.49
C GLU A 214 -27.39 0.83 10.40
N TRP A 215 -26.40 0.10 9.95
CA TRP A 215 -25.06 0.24 10.53
C TRP A 215 -24.27 1.22 9.68
N ARG A 216 -23.47 2.05 10.33
CA ARG A 216 -22.62 3.00 9.62
C ARG A 216 -21.19 2.76 10.09
N VAL A 217 -20.28 2.62 9.13
CA VAL A 217 -18.85 2.40 9.39
C VAL A 217 -18.08 3.68 9.07
N GLN A 218 -17.18 4.08 9.96
CA GLN A 218 -16.44 5.33 9.73
C GLN A 218 -15.14 5.28 10.49
N VAL A 219 -14.07 5.76 9.86
CA VAL A 219 -12.81 5.98 10.55
C VAL A 219 -12.99 7.16 11.50
N ILE A 220 -12.79 6.92 12.78
CA ILE A 220 -12.91 8.00 13.75
C ILE A 220 -11.57 8.43 14.34
N GLY A 221 -10.49 7.73 14.07
CA GLY A 221 -9.19 8.25 14.45
C GLY A 221 -8.07 7.47 13.77
N VAL A 222 -6.93 8.14 13.59
CA VAL A 222 -5.72 7.50 13.06
C VAL A 222 -4.56 8.01 13.89
N LYS A 223 -3.74 7.10 14.42
CA LYS A 223 -2.54 7.47 15.13
C LYS A 223 -1.34 7.00 14.33
N GLY A 224 -0.26 7.77 14.38
CA GLY A 224 0.94 7.26 13.73
C GLY A 224 0.86 7.34 12.21
N ASP A 225 1.60 6.45 11.54
CA ASP A 225 1.73 6.37 10.09
C ASP A 225 1.14 5.04 9.61
N ILE A 226 0.30 5.09 8.58
CA ILE A 226 -0.43 3.88 8.18
C ILE A 226 -0.99 4.11 6.79
N ILE A 227 -1.06 3.05 5.98
CA ILE A 227 -1.77 3.09 4.69
C ILE A 227 -3.13 2.44 4.90
N LEU A 228 -4.19 3.14 4.55
CA LEU A 228 -5.54 2.57 4.56
C LEU A 228 -5.90 2.11 3.15
N LEU A 229 -6.26 0.83 3.01
CA LEU A 229 -6.73 0.25 1.75
C LEU A 229 -8.26 0.31 1.71
N HIS A 230 -8.80 0.92 0.66
CA HIS A 230 -10.24 1.08 0.61
C HIS A 230 -10.95 -0.26 0.64
N SER A 231 -12.03 -0.35 1.39
CA SER A 231 -12.61 -1.69 1.55
C SER A 231 -13.70 -2.03 0.53
N GLY A 232 -14.45 -1.06 0.01
CA GLY A 232 -15.62 -1.43 -0.79
C GLY A 232 -15.60 -1.09 -2.27
N SER A 233 -16.70 -0.52 -2.76
CA SER A 233 -16.68 -0.11 -4.16
C SER A 233 -15.91 1.20 -4.25
N LEU A 234 -15.30 1.43 -5.41
CA LEU A 234 -14.61 2.68 -5.71
C LEU A 234 -15.63 3.81 -5.82
N LEU A 235 -15.34 4.92 -5.14
CA LEU A 235 -16.23 6.06 -5.06
C LEU A 235 -15.41 7.34 -5.18
N ASN A 236 -16.13 8.42 -5.47
CA ASN A 236 -15.56 9.75 -5.40
C ASN A 236 -15.40 10.19 -3.94
N GLY A 237 -14.58 11.22 -3.73
CA GLY A 237 -14.40 11.78 -2.41
C GLY A 237 -15.63 12.54 -1.95
N PRO A 238 -15.54 13.19 -0.77
CA PRO A 238 -14.34 13.44 0.03
C PRO A 238 -13.74 12.21 0.66
N TYR A 239 -12.42 12.23 0.80
CA TYR A 239 -11.69 11.11 1.37
C TYR A 239 -11.14 11.49 2.73
N VAL A 240 -10.91 10.47 3.55
CA VAL A 240 -10.06 10.61 4.73
C VAL A 240 -8.79 11.33 4.29
N TYR A 241 -8.34 12.29 5.11
CA TYR A 241 -7.17 13.07 4.75
C TYR A 241 -5.90 12.22 4.84
N GLY A 242 -4.99 12.40 3.89
CA GLY A 242 -3.69 11.79 4.04
C GLY A 242 -2.66 12.54 3.22
N ASP A 243 -1.40 12.12 3.34
CA ASP A 243 -0.32 12.75 2.57
C ASP A 243 -0.33 12.37 1.09
N ALA A 244 -0.78 11.15 0.76
CA ALA A 244 -0.74 10.67 -0.62
C ALA A 244 -1.92 9.71 -0.80
N TYR A 245 -2.32 9.55 -2.05
CA TYR A 245 -3.40 8.62 -2.42
C TYR A 245 -2.94 7.77 -3.60
N VAL A 246 -3.23 6.47 -3.55
CA VAL A 246 -3.14 5.65 -4.75
C VAL A 246 -4.44 5.86 -5.51
N ALA A 247 -4.35 6.13 -6.81
CA ALA A 247 -5.57 6.43 -7.55
C ALA A 247 -5.50 5.83 -8.94
N PHE A 248 -6.62 5.91 -9.63
CA PHE A 248 -6.72 5.50 -11.02
C PHE A 248 -6.78 6.76 -11.87
N SER A 249 -5.93 6.82 -12.88
CA SER A 249 -5.93 7.92 -13.82
C SER A 249 -6.83 7.54 -14.98
N GLY A 255 -6.45 4.86 -17.64
CA GLY A 255 -6.93 3.58 -17.13
C GLY A 255 -5.87 2.76 -16.41
N HIS A 256 -5.24 3.34 -15.38
CA HIS A 256 -4.16 2.65 -14.70
C HIS A 256 -3.79 3.40 -13.42
N TYR A 257 -2.90 2.80 -12.65
CA TYR A 257 -2.58 3.32 -11.33
C TYR A 257 -1.64 4.51 -11.36
N THR A 258 -1.95 5.48 -10.51
CA THR A 258 -1.07 6.61 -10.27
C THR A 258 -1.02 6.86 -8.76
N VAL A 259 -0.18 7.81 -8.37
CA VAL A 259 -0.06 8.19 -6.97
C VAL A 259 -0.14 9.72 -6.91
N PHE A 260 -1.02 10.23 -6.07
CA PHE A 260 -1.25 11.67 -5.94
C PHE A 260 -0.62 12.15 -4.66
N ASP A 261 0.27 13.13 -4.75
CA ASP A 261 0.86 13.78 -3.57
C ASP A 261 -0.08 14.87 -3.09
N ASN A 262 -0.65 14.72 -1.91
CA ASN A 262 -1.70 15.63 -1.46
C ASN A 262 -1.17 16.91 -0.84
N LYS A 263 0.13 17.00 -0.57
CA LYS A 263 0.71 18.27 -0.15
C LYS A 263 1.22 19.12 -1.31
N LEU A 264 1.73 18.50 -2.34
CA LEU A 264 2.20 19.25 -3.50
C LEU A 264 1.12 19.40 -4.57
N SER A 265 -0.01 18.71 -4.41
CA SER A 265 -1.05 18.59 -5.45
C SER A 265 -0.46 18.17 -6.80
N LYS A 266 0.30 17.07 -6.81
CA LYS A 266 0.86 16.55 -8.05
C LYS A 266 0.59 15.06 -8.14
N MET A 267 0.46 14.57 -9.38
CA MET A 267 0.20 13.17 -9.67
C MET A 267 1.39 12.56 -10.39
N TYR A 268 1.90 11.46 -9.85
CA TYR A 268 2.97 10.69 -10.47
C TYR A 268 2.34 9.70 -11.42
N ASP A 269 2.81 9.70 -12.67
CA ASP A 269 2.37 8.75 -13.67
C ASP A 269 3.63 8.18 -14.29
N GLY A 270 4.06 6.99 -13.82
CA GLY A 270 5.36 6.52 -14.24
C GLY A 270 6.41 7.47 -13.67
N ILE A 271 7.30 8.01 -14.52
CA ILE A 271 8.23 9.04 -14.10
C ILE A 271 7.72 10.43 -14.43
N LYS A 272 6.52 10.53 -14.97
CA LYS A 272 5.99 11.84 -15.32
C LYS A 272 5.28 12.43 -14.12
N CYS A 273 5.14 13.75 -14.13
CA CYS A 273 4.48 14.44 -13.03
C CYS A 273 3.46 15.40 -13.63
N VAL A 274 2.29 15.49 -13.02
CA VAL A 274 1.20 16.34 -13.50
C VAL A 274 0.68 17.14 -12.32
N LYS A 275 0.60 18.46 -12.44
CA LYS A 275 -0.08 19.23 -11.41
C LYS A 275 -1.59 19.09 -11.59
N THR A 276 -2.28 18.53 -10.60
CA THR A 276 -3.74 18.39 -10.70
C THR A 276 -4.33 18.35 -9.29
N THR A 277 -5.64 18.08 -9.19
CA THR A 277 -6.32 18.12 -7.91
C THR A 277 -6.88 16.76 -7.55
N LEU A 278 -7.06 16.56 -6.22
CA LEU A 278 -7.56 15.27 -5.75
C LEU A 278 -8.99 15.03 -6.22
N ASP A 279 -9.76 16.11 -6.39
CA ASP A 279 -11.15 15.98 -6.85
C ASP A 279 -11.27 15.26 -8.19
N THR A 280 -10.25 15.31 -9.03
CA THR A 280 -10.27 14.65 -10.33
C THR A 280 -9.96 13.16 -10.24
N LEU A 281 -9.75 12.62 -9.05
CA LEU A 281 -9.26 11.25 -8.92
C LEU A 281 -10.20 10.40 -8.07
N VAL A 282 -10.18 9.09 -8.35
CA VAL A 282 -10.82 8.09 -7.50
C VAL A 282 -9.73 7.31 -6.77
N ALA A 283 -9.74 7.41 -5.46
CA ALA A 283 -8.64 6.84 -4.66
C ALA A 283 -9.00 5.43 -4.23
N SER A 284 -8.01 4.53 -4.31
CA SER A 284 -8.12 3.20 -3.76
C SER A 284 -7.38 2.99 -2.45
N SER A 285 -6.43 3.88 -2.09
CA SER A 285 -5.81 3.80 -0.76
C SER A 285 -5.27 5.19 -0.40
N VAL A 286 -5.06 5.42 0.89
CA VAL A 286 -4.53 6.69 1.38
C VAL A 286 -3.37 6.42 2.33
N VAL A 287 -2.29 7.18 2.18
CA VAL A 287 -1.13 7.08 3.09
C VAL A 287 -1.27 8.22 4.09
N ILE A 288 -1.34 7.89 5.38
CA ILE A 288 -1.55 8.86 6.44
C ILE A 288 -0.29 8.93 7.30
N ARG A 289 0.18 10.15 7.56
CA ARG A 289 1.40 10.37 8.32
C ARG A 289 1.11 11.17 9.58
N ASN A 290 1.61 10.64 10.70
CA ASN A 290 1.39 11.10 12.08
C ASN A 290 -0.01 11.67 12.26
N GLY A 291 -0.98 10.80 12.06
CA GLY A 291 -2.37 11.16 12.25
C GLY A 291 -2.98 11.79 11.02
ZN ZN B . -30.70 -3.78 16.28
#